data_2IQ0
#
_entry.id   2IQ0
#
_cell.length_a   49.988
_cell.length_b   66.984
_cell.length_c   91.935
_cell.angle_alpha   90.000
_cell.angle_beta   90.000
_cell.angle_gamma   90.000
#
_symmetry.space_group_name_H-M   'P 21 21 21'
#
loop_
_entity.id
_entity.type
_entity.pdbx_description
1 polymer 'Aldose reductase'
2 non-polymer 'NADP NICOTINAMIDE-ADENINE-DINUCLEOTIDE PHOSPHATE'
3 non-polymer 'HEXANOIC ACID'
4 water water
#
_entity_poly.entity_id   1
_entity_poly.type   'polypeptide(L)'
_entity_poly.pdbx_seq_one_letter_code
;ASRLLLNNGAKMPILGLGTWKSPPGQVTEAVKVAIDVGYRHIDCAHVYQNENEVGVAIQEKLREQVVKREELFIVSKLWC
TYHEKGLVKGACQKTLSDLKLDYLDLYLIHWPTGFKPGKEFFPLDESGNVVPSDTNILDTWAAMEELVDEGLVKAIGISN
FNHLQVEMILNKPGLKYKPAVNQIECHPYLTQEKLIQYCQSKGIVVTAYSPLGSPDRPWAKPEDPSLLEDPRIKAIAAKH
NKTTAQVLIRFPMQRNLVVIPKSVTPERIAENFKVFDFELSSQDMTTLLSYNRNWRVCALLSCTSHKDYPFHEEF
;
_entity_poly.pdbx_strand_id   A
#
loop_
_chem_comp.id
_chem_comp.type
_chem_comp.name
_chem_comp.formula
6NA non-polymer 'HEXANOIC ACID' 'C6 H12 O2'
NAP non-polymer 'NADP NICOTINAMIDE-ADENINE-DINUCLEOTIDE PHOSPHATE' 'C21 H28 N7 O17 P3'
#
# COMPACT_ATOMS: atom_id res chain seq x y z
N SER A 2 -1.36 -4.45 -17.80
CA SER A 2 -2.64 -4.27 -17.05
C SER A 2 -2.64 -4.99 -15.70
N ARG A 3 -2.00 -6.16 -15.64
CA ARG A 3 -1.92 -6.95 -14.41
C ARG A 3 -0.56 -7.61 -14.25
N LEU A 4 -0.10 -7.73 -13.01
CA LEU A 4 1.19 -8.36 -12.70
C LEU A 4 0.98 -9.71 -12.03
N LEU A 5 1.82 -10.67 -12.39
CA LEU A 5 1.77 -12.02 -11.86
C LEU A 5 2.46 -12.12 -10.50
N LEU A 6 1.74 -12.60 -9.50
CA LEU A 6 2.27 -12.78 -8.14
C LEU A 6 2.82 -14.19 -8.01
N ASN A 7 3.66 -14.44 -6.99
CA ASN A 7 4.22 -15.78 -6.81
C ASN A 7 3.25 -16.88 -6.40
N ASN A 8 1.98 -16.54 -6.26
CA ASN A 8 0.94 -17.52 -5.89
C ASN A 8 0.07 -17.86 -7.11
N GLY A 9 0.44 -17.28 -8.26
CA GLY A 9 -0.30 -17.52 -9.50
C GLY A 9 -1.38 -16.50 -9.81
N ALA A 10 -1.72 -15.66 -8.83
CA ALA A 10 -2.75 -14.64 -9.00
C ALA A 10 -2.24 -13.45 -9.82
N LYS A 11 -3.20 -12.72 -10.40
CA LYS A 11 -2.91 -11.55 -11.22
C LYS A 11 -3.33 -10.30 -10.47
N MET A 12 -2.38 -9.42 -10.21
CA MET A 12 -2.67 -8.19 -9.47
C MET A 12 -2.74 -6.96 -10.38
N PRO A 13 -3.91 -6.28 -10.41
CA PRO A 13 -4.08 -5.08 -11.23
C PRO A 13 -3.04 -4.03 -10.87
N ILE A 14 -2.30 -3.56 -11.87
CA ILE A 14 -1.24 -2.57 -11.69
C ILE A 14 -1.70 -1.25 -11.09
N LEU A 15 -2.97 -0.90 -11.30
CA LEU A 15 -3.53 0.34 -10.76
C LEU A 15 -4.59 0.02 -9.70
N GLY A 16 -4.51 0.74 -8.58
CA GLY A 16 -5.47 0.55 -7.50
C GLY A 16 -5.87 1.85 -6.84
N LEU A 17 -7.00 1.83 -6.13
CA LEU A 17 -7.52 3.02 -5.44
C LEU A 17 -7.12 3.01 -3.97
N GLY A 18 -6.43 4.05 -3.52
CA GLY A 18 -6.03 4.14 -2.12
C GLY A 18 -7.16 4.70 -1.29
N THR A 19 -7.20 4.35 0.00
CA THR A 19 -8.28 4.81 0.88
C THR A 19 -7.87 5.46 2.21
N TRP A 20 -6.58 5.68 2.42
CA TRP A 20 -6.14 6.34 3.64
C TRP A 20 -6.54 7.80 3.52
N LYS A 21 -7.19 8.32 4.56
CA LYS A 21 -7.67 9.71 4.64
C LYS A 21 -9.01 9.93 3.96
N SER A 22 -9.57 8.88 3.35
CA SER A 22 -10.86 9.00 2.70
C SER A 22 -11.93 8.91 3.77
N PRO A 23 -12.63 10.03 4.03
CA PRO A 23 -13.69 10.11 5.03
C PRO A 23 -14.75 9.02 4.86
N PRO A 24 -15.31 8.52 5.97
CA PRO A 24 -16.34 7.47 5.94
C PRO A 24 -17.55 7.88 5.11
N GLY A 25 -17.90 9.16 5.18
CA GLY A 25 -19.03 9.69 4.44
C GLY A 25 -18.77 10.01 2.97
N GLN A 26 -17.57 9.75 2.48
CA GLN A 26 -17.21 10.03 1.08
C GLN A 26 -16.62 8.83 0.34
N VAL A 27 -16.02 7.91 1.08
CA VAL A 27 -15.37 6.75 0.48
C VAL A 27 -16.28 5.73 -0.22
N THR A 28 -17.50 5.53 0.28
CA THR A 28 -18.41 4.57 -0.36
C THR A 28 -18.66 5.01 -1.80
N GLU A 29 -18.97 6.30 -1.99
CA GLU A 29 -19.22 6.83 -3.33
C GLU A 29 -17.95 6.83 -4.18
N ALA A 30 -16.82 7.04 -3.51
CA ALA A 30 -15.53 7.05 -4.18
C ALA A 30 -15.20 5.68 -4.76
N VAL A 31 -15.43 4.63 -3.97
CA VAL A 31 -15.17 3.26 -4.42
C VAL A 31 -16.16 2.84 -5.51
N LYS A 32 -17.41 3.32 -5.40
CA LYS A 32 -18.45 3.01 -6.40
C LYS A 32 -18.08 3.60 -7.76
N VAL A 33 -17.60 4.85 -7.75
CA VAL A 33 -17.18 5.51 -8.97
C VAL A 33 -15.93 4.82 -9.53
N ALA A 34 -15.00 4.47 -8.64
CA ALA A 34 -13.77 3.80 -9.06
C ALA A 34 -14.07 2.49 -9.79
N ILE A 35 -14.98 1.69 -9.24
CA ILE A 35 -15.34 0.41 -9.87
C ILE A 35 -16.04 0.64 -11.22
N ASP A 36 -16.88 1.69 -11.28
CA ASP A 36 -17.57 2.04 -12.53
C ASP A 36 -16.56 2.48 -13.60
N VAL A 37 -15.57 3.25 -13.18
CA VAL A 37 -14.52 3.75 -14.05
C VAL A 37 -13.62 2.64 -14.58
N GLY A 38 -13.49 1.55 -13.81
CA GLY A 38 -12.67 0.44 -14.27
C GLY A 38 -11.67 -0.08 -13.27
N TYR A 39 -11.55 0.55 -12.11
CA TYR A 39 -10.61 0.10 -11.08
C TYR A 39 -11.09 -1.28 -10.61
N ARG A 40 -10.13 -2.18 -10.40
CA ARG A 40 -10.42 -3.54 -9.95
C ARG A 40 -9.56 -3.90 -8.75
N HIS A 41 -8.90 -2.89 -8.20
CA HIS A 41 -7.99 -3.05 -7.07
C HIS A 41 -8.22 -1.92 -6.06
N ILE A 42 -8.55 -2.29 -4.82
CA ILE A 42 -8.77 -1.31 -3.76
C ILE A 42 -7.81 -1.60 -2.61
N ASP A 43 -7.08 -0.59 -2.17
CA ASP A 43 -6.13 -0.75 -1.06
C ASP A 43 -6.82 -0.27 0.23
N CYS A 44 -6.89 -1.15 1.22
CA CYS A 44 -7.54 -0.85 2.51
C CYS A 44 -6.64 -1.12 3.70
N ALA A 45 -7.16 -0.81 4.89
CA ALA A 45 -6.44 -1.05 6.14
C ALA A 45 -7.38 -0.77 7.29
N HIS A 46 -7.28 -1.58 8.33
CA HIS A 46 -8.12 -1.44 9.52
C HIS A 46 -7.93 -0.07 10.18
N VAL A 47 -6.67 0.38 10.22
CA VAL A 47 -6.32 1.67 10.84
C VAL A 47 -6.90 2.91 10.12
N TYR A 48 -7.41 2.74 8.90
CA TYR A 48 -7.99 3.87 8.15
C TYR A 48 -9.39 4.22 8.68
N GLN A 49 -9.93 3.33 9.51
CA GLN A 49 -11.24 3.49 10.13
C GLN A 49 -12.38 3.69 9.14
N ASN A 50 -12.28 3.08 7.96
CA ASN A 50 -13.32 3.24 6.94
C ASN A 50 -13.62 1.98 6.12
N GLU A 51 -13.18 0.82 6.59
CA GLU A 51 -13.41 -0.42 5.85
C GLU A 51 -14.87 -0.81 5.71
N ASN A 52 -15.68 -0.49 6.72
CA ASN A 52 -17.12 -0.81 6.67
C ASN A 52 -17.75 -0.10 5.48
N GLU A 53 -17.42 1.18 5.35
CA GLU A 53 -17.95 2.01 4.28
C GLU A 53 -17.40 1.63 2.90
N VAL A 54 -16.18 1.12 2.84
CA VAL A 54 -15.60 0.65 1.58
C VAL A 54 -16.37 -0.62 1.21
N GLY A 55 -16.62 -1.46 2.21
CA GLY A 55 -17.36 -2.70 2.02
C GLY A 55 -18.77 -2.46 1.51
N VAL A 56 -19.38 -1.34 1.87
CA VAL A 56 -20.73 -1.02 1.41
C VAL A 56 -20.71 -0.82 -0.12
N ALA A 57 -19.65 -0.16 -0.61
CA ALA A 57 -19.48 0.10 -2.03
C ALA A 57 -19.23 -1.18 -2.80
N ILE A 58 -18.32 -2.01 -2.29
CA ILE A 58 -17.98 -3.29 -2.93
C ILE A 58 -19.21 -4.19 -3.01
N GLN A 59 -20.02 -4.20 -1.94
CA GLN A 59 -21.24 -5.01 -1.90
C GLN A 59 -22.29 -4.57 -2.91
N GLU A 60 -22.43 -3.26 -3.09
CA GLU A 60 -23.40 -2.72 -4.04
C GLU A 60 -23.05 -3.08 -5.48
N LYS A 61 -21.78 -2.95 -5.83
CA LYS A 61 -21.33 -3.24 -7.19
C LYS A 61 -21.40 -4.74 -7.50
N LEU A 62 -21.20 -5.57 -6.49
CA LEU A 62 -21.29 -7.03 -6.68
C LEU A 62 -22.75 -7.42 -6.89
N ARG A 63 -23.66 -6.80 -6.16
CA ARG A 63 -25.10 -7.09 -6.28
C ARG A 63 -25.63 -6.58 -7.62
N GLU A 64 -25.01 -5.51 -8.11
CA GLU A 64 -25.37 -4.87 -9.36
C GLU A 64 -24.87 -5.63 -10.60
N GLN A 65 -24.02 -6.63 -10.38
CA GLN A 65 -23.46 -7.46 -11.46
C GLN A 65 -22.39 -6.72 -12.29
N VAL A 66 -21.95 -5.57 -11.80
CA VAL A 66 -20.93 -4.77 -12.48
C VAL A 66 -19.61 -5.53 -12.54
N VAL A 67 -19.31 -6.24 -11.46
CA VAL A 67 -18.09 -7.04 -11.36
C VAL A 67 -18.41 -8.27 -10.54
N LYS A 68 -17.65 -9.34 -10.76
CA LYS A 68 -17.83 -10.54 -9.96
C LYS A 68 -16.63 -10.51 -9.00
N ARG A 69 -16.75 -11.17 -7.86
CA ARG A 69 -15.70 -11.18 -6.86
C ARG A 69 -14.29 -11.52 -7.38
N GLU A 70 -14.20 -12.49 -8.27
CA GLU A 70 -12.91 -12.90 -8.82
C GLU A 70 -12.21 -11.81 -9.62
N GLU A 71 -12.97 -10.81 -10.07
CA GLU A 71 -12.42 -9.70 -10.84
C GLU A 71 -11.77 -8.65 -9.93
N LEU A 72 -12.23 -8.58 -8.69
CA LEU A 72 -11.69 -7.62 -7.73
C LEU A 72 -10.47 -8.15 -6.99
N PHE A 73 -9.57 -7.25 -6.65
CA PHE A 73 -8.37 -7.59 -5.90
C PHE A 73 -8.41 -6.66 -4.69
N ILE A 74 -8.84 -7.21 -3.56
CA ILE A 74 -8.96 -6.43 -2.32
C ILE A 74 -7.78 -6.65 -1.39
N VAL A 75 -7.17 -5.55 -0.98
CA VAL A 75 -6.02 -5.61 -0.08
C VAL A 75 -6.29 -4.90 1.24
N SER A 76 -5.83 -5.52 2.32
CA SER A 76 -5.95 -4.93 3.64
C SER A 76 -4.64 -5.20 4.36
N LYS A 77 -4.48 -4.62 5.54
CA LYS A 77 -3.24 -4.76 6.29
C LYS A 77 -3.46 -4.99 7.77
N LEU A 78 -2.57 -5.79 8.36
CA LEU A 78 -2.59 -6.11 9.80
C LEU A 78 -1.89 -4.97 10.55
N TRP A 79 -2.61 -4.31 11.46
CA TRP A 79 -2.03 -3.21 12.23
C TRP A 79 -1.05 -3.69 13.29
N CYS A 80 -0.17 -2.79 13.71
CA CYS A 80 0.88 -3.03 14.69
C CYS A 80 0.48 -3.58 16.05
N THR A 81 -0.73 -3.25 16.49
CA THR A 81 -1.23 -3.71 17.78
C THR A 81 -1.77 -5.15 17.73
N TYR A 82 -1.69 -5.80 16.57
CA TYR A 82 -2.18 -7.16 16.41
C TYR A 82 -1.10 -8.14 15.94
N HIS A 83 0.15 -7.89 16.29
CA HIS A 83 1.25 -8.76 15.87
C HIS A 83 1.40 -10.09 16.62
N GLU A 84 0.90 -10.18 17.85
CA GLU A 84 1.01 -11.45 18.58
C GLU A 84 0.25 -12.57 17.87
N LYS A 85 0.79 -13.78 17.98
CA LYS A 85 0.22 -15.00 17.38
C LYS A 85 -1.30 -15.12 17.46
N GLY A 86 -1.83 -15.10 18.67
CA GLY A 86 -3.27 -15.26 18.86
C GLY A 86 -4.20 -14.15 18.40
N LEU A 87 -3.64 -13.00 18.01
CA LEU A 87 -4.45 -11.87 17.58
C LEU A 87 -4.57 -11.66 16.06
N VAL A 88 -3.67 -12.27 15.29
CA VAL A 88 -3.67 -12.11 13.83
C VAL A 88 -4.95 -12.54 13.11
N LYS A 89 -5.47 -13.73 13.44
CA LYS A 89 -6.69 -14.23 12.81
C LYS A 89 -7.87 -13.33 13.13
N GLY A 90 -7.94 -12.89 14.39
CA GLY A 90 -9.03 -12.03 14.82
C GLY A 90 -9.06 -10.70 14.09
N ALA A 91 -7.88 -10.14 13.85
CA ALA A 91 -7.76 -8.87 13.15
C ALA A 91 -8.19 -9.03 11.71
N CYS A 92 -7.77 -10.15 11.10
CA CYS A 92 -8.12 -10.44 9.71
C CYS A 92 -9.62 -10.65 9.58
N GLN A 93 -10.22 -11.36 10.54
CA GLN A 93 -11.65 -11.63 10.50
C GLN A 93 -12.49 -10.36 10.69
N LYS A 94 -12.00 -9.40 11.48
CA LYS A 94 -12.70 -8.14 11.70
C LYS A 94 -12.73 -7.35 10.39
N THR A 95 -11.59 -7.32 9.69
CA THR A 95 -11.48 -6.65 8.40
C THR A 95 -12.43 -7.31 7.40
N LEU A 96 -12.48 -8.64 7.39
CA LEU A 96 -13.36 -9.37 6.48
C LEU A 96 -14.84 -9.05 6.69
N SER A 97 -15.26 -8.91 7.95
CA SER A 97 -16.66 -8.60 8.25
C SER A 97 -17.02 -7.16 7.88
N ASP A 98 -16.10 -6.23 8.12
CA ASP A 98 -16.33 -4.83 7.78
C ASP A 98 -16.43 -4.68 6.26
N LEU A 99 -15.52 -5.32 5.52
CA LEU A 99 -15.51 -5.28 4.07
C LEU A 99 -16.62 -6.16 3.48
N LYS A 100 -17.15 -7.08 4.29
CA LYS A 100 -18.22 -8.01 3.93
C LYS A 100 -17.82 -8.98 2.82
N LEU A 101 -16.64 -9.56 2.98
CA LEU A 101 -16.07 -10.50 2.04
C LEU A 101 -15.72 -11.76 2.82
N ASP A 102 -15.48 -12.88 2.13
CA ASP A 102 -15.10 -14.10 2.82
C ASP A 102 -13.62 -14.44 2.66
N TYR A 103 -12.92 -13.62 1.88
CA TYR A 103 -11.48 -13.78 1.68
C TYR A 103 -10.88 -12.50 1.12
N LEU A 104 -9.60 -12.29 1.39
CA LEU A 104 -8.89 -11.14 0.88
C LEU A 104 -7.94 -11.68 -0.17
N ASP A 105 -7.64 -10.87 -1.18
CA ASP A 105 -6.71 -11.31 -2.21
C ASP A 105 -5.28 -11.15 -1.69
N LEU A 106 -5.07 -10.14 -0.84
CA LEU A 106 -3.76 -9.89 -0.28
C LEU A 106 -3.89 -9.27 1.10
N TYR A 107 -3.11 -9.79 2.04
CA TYR A 107 -3.10 -9.28 3.41
C TYR A 107 -1.66 -8.95 3.74
N LEU A 108 -1.40 -7.71 4.13
CA LEU A 108 -0.06 -7.24 4.44
C LEU A 108 0.19 -6.93 5.91
N ILE A 109 1.44 -7.10 6.35
CA ILE A 109 1.81 -6.71 7.71
C ILE A 109 2.11 -5.23 7.45
N HIS A 110 1.25 -4.35 7.97
CA HIS A 110 1.34 -2.89 7.79
C HIS A 110 2.71 -2.26 8.05
N TRP A 111 3.31 -2.56 9.20
CA TRP A 111 4.63 -2.06 9.57
C TRP A 111 5.34 -3.21 10.30
N PRO A 112 6.68 -3.28 10.23
CA PRO A 112 7.39 -4.37 10.91
C PRO A 112 7.41 -4.22 12.44
N THR A 113 6.99 -3.05 12.91
CA THR A 113 6.96 -2.74 14.33
C THR A 113 5.68 -3.20 15.02
N GLY A 114 5.85 -3.93 16.12
CA GLY A 114 4.71 -4.40 16.88
C GLY A 114 4.53 -3.53 18.10
N PHE A 115 3.29 -3.14 18.39
CA PHE A 115 2.96 -2.31 19.55
C PHE A 115 2.18 -3.14 20.53
N LYS A 116 2.08 -2.66 21.76
CA LYS A 116 1.34 -3.32 22.82
C LYS A 116 -0.12 -3.42 22.43
N PRO A 117 -0.71 -4.62 22.50
CA PRO A 117 -2.12 -4.81 22.14
C PRO A 117 -3.07 -3.94 22.99
N GLY A 118 -4.13 -3.47 22.36
CA GLY A 118 -5.10 -2.63 23.04
C GLY A 118 -6.04 -1.97 22.06
N LYS A 119 -6.79 -0.97 22.53
CA LYS A 119 -7.74 -0.23 21.70
C LYS A 119 -7.10 0.97 21.00
N GLU A 120 -6.02 1.48 21.57
CA GLU A 120 -5.29 2.61 21.00
C GLU A 120 -4.38 2.09 19.89
N PHE A 121 -4.41 2.74 18.73
CA PHE A 121 -3.60 2.35 17.59
C PHE A 121 -2.11 2.62 17.86
N PHE A 122 -1.86 3.67 18.63
CA PHE A 122 -0.50 4.04 19.03
C PHE A 122 -0.52 4.14 20.55
N PRO A 123 -0.36 3.00 21.24
CA PRO A 123 -0.36 2.95 22.71
C PRO A 123 0.81 3.73 23.30
N LEU A 124 0.52 4.55 24.31
CA LEU A 124 1.53 5.37 24.96
C LEU A 124 1.66 5.05 26.45
N ASP A 125 2.86 5.29 27.00
CA ASP A 125 3.11 5.09 28.42
C ASP A 125 2.95 6.42 29.16
N GLU A 126 3.40 6.53 30.41
CA GLU A 126 3.25 7.79 31.15
C GLU A 126 4.20 8.89 30.65
N SER A 127 5.18 8.50 29.83
CA SER A 127 6.16 9.43 29.26
C SER A 127 5.71 9.97 27.90
N GLY A 128 4.76 9.27 27.25
CA GLY A 128 4.26 9.72 25.96
C GLY A 128 4.80 9.03 24.72
N ASN A 129 5.70 8.06 24.88
CA ASN A 129 6.27 7.34 23.74
C ASN A 129 5.54 6.03 23.48
N VAL A 130 5.67 5.51 22.26
CA VAL A 130 5.02 4.26 21.87
C VAL A 130 5.55 3.05 22.63
N VAL A 131 4.63 2.24 23.16
CA VAL A 131 4.99 1.04 23.91
C VAL A 131 5.11 -0.11 22.92
N PRO A 132 6.29 -0.75 22.88
CA PRO A 132 6.52 -1.87 21.97
C PRO A 132 6.02 -3.21 22.50
N SER A 133 5.82 -4.12 21.55
CA SER A 133 5.42 -5.50 21.83
C SER A 133 6.74 -6.26 21.70
N ASP A 134 6.93 -7.33 22.49
CA ASP A 134 8.17 -8.11 22.40
C ASP A 134 8.17 -9.14 21.27
N THR A 135 7.11 -9.10 20.46
CA THR A 135 6.97 -10.01 19.33
C THR A 135 7.95 -9.61 18.22
N ASN A 136 8.27 -10.56 17.34
CA ASN A 136 9.18 -10.30 16.25
C ASN A 136 8.52 -10.56 14.90
N ILE A 137 9.23 -10.22 13.83
CA ILE A 137 8.76 -10.38 12.46
C ILE A 137 8.51 -11.83 12.04
N LEU A 138 9.38 -12.74 12.47
CA LEU A 138 9.26 -14.16 12.11
C LEU A 138 8.01 -14.83 12.68
N ASP A 139 7.68 -14.53 13.94
CA ASP A 139 6.51 -15.08 14.62
C ASP A 139 5.21 -14.52 14.04
N THR A 140 5.21 -13.24 13.65
CA THR A 140 4.04 -12.62 13.05
C THR A 140 3.82 -13.23 11.66
N TRP A 141 4.91 -13.49 10.95
CA TRP A 141 4.83 -14.09 9.62
C TRP A 141 4.24 -15.50 9.66
N ALA A 142 4.61 -16.28 10.65
CA ALA A 142 4.09 -17.63 10.80
C ALA A 142 2.57 -17.61 11.00
N ALA A 143 2.07 -16.58 11.66
CA ALA A 143 0.63 -16.41 11.92
C ALA A 143 -0.11 -16.01 10.63
N MET A 144 0.56 -15.24 9.77
CA MET A 144 0.00 -14.81 8.49
C MET A 144 -0.08 -15.99 7.55
N GLU A 145 0.90 -16.90 7.66
CA GLU A 145 0.95 -18.10 6.82
C GLU A 145 -0.22 -19.01 7.07
N GLU A 146 -0.68 -19.10 8.31
CA GLU A 146 -1.82 -19.97 8.59
C GLU A 146 -3.14 -19.38 8.11
N LEU A 147 -3.16 -18.08 7.83
CA LEU A 147 -4.37 -17.44 7.32
C LEU A 147 -4.57 -17.97 5.90
N VAL A 148 -3.46 -18.28 5.22
CA VAL A 148 -3.48 -18.84 3.87
C VAL A 148 -3.95 -20.29 3.98
N ASP A 149 -3.44 -21.00 4.97
CA ASP A 149 -3.82 -22.40 5.18
C ASP A 149 -5.28 -22.56 5.59
N GLU A 150 -5.89 -21.50 6.12
CA GLU A 150 -7.28 -21.53 6.56
C GLU A 150 -8.28 -20.96 5.56
N GLY A 151 -7.77 -20.41 4.46
CA GLY A 151 -8.63 -19.85 3.44
C GLY A 151 -9.11 -18.42 3.62
N LEU A 152 -8.57 -17.71 4.61
CA LEU A 152 -8.98 -16.33 4.85
C LEU A 152 -8.40 -15.35 3.82
N VAL A 153 -7.19 -15.64 3.34
CA VAL A 153 -6.52 -14.79 2.37
C VAL A 153 -5.81 -15.64 1.31
N LYS A 154 -5.75 -15.13 0.08
CA LYS A 154 -5.10 -15.82 -1.04
C LYS A 154 -3.59 -15.63 -1.08
N ALA A 155 -3.13 -14.46 -0.65
CA ALA A 155 -1.70 -14.17 -0.63
C ALA A 155 -1.38 -13.27 0.54
N ILE A 156 -0.14 -13.36 1.03
CA ILE A 156 0.30 -12.55 2.15
C ILE A 156 1.52 -11.74 1.74
N GLY A 157 1.71 -10.59 2.37
CA GLY A 157 2.84 -9.75 2.04
C GLY A 157 3.26 -8.86 3.18
N ILE A 158 4.16 -7.93 2.87
CA ILE A 158 4.68 -7.00 3.85
C ILE A 158 4.59 -5.55 3.38
N SER A 159 4.82 -4.63 4.31
CA SER A 159 4.78 -3.21 3.97
C SER A 159 5.78 -2.48 4.85
N ASN A 160 6.52 -1.57 4.25
CA ASN A 160 7.55 -0.77 4.93
C ASN A 160 8.66 -1.64 5.53
N PHE A 161 9.00 -2.73 4.87
CA PHE A 161 10.05 -3.62 5.34
C PHE A 161 11.33 -3.29 4.59
N ASN A 162 12.42 -3.06 5.31
CA ASN A 162 13.68 -2.78 4.65
C ASN A 162 14.24 -4.11 4.11
N HIS A 163 15.33 -4.05 3.35
CA HIS A 163 15.88 -5.28 2.77
C HIS A 163 16.34 -6.37 3.74
N LEU A 164 16.83 -5.99 4.92
CA LEU A 164 17.29 -6.98 5.90
C LEU A 164 16.11 -7.69 6.56
N GLN A 165 15.01 -6.95 6.72
CA GLN A 165 13.80 -7.49 7.32
C GLN A 165 13.16 -8.48 6.34
N VAL A 166 13.20 -8.17 5.06
CA VAL A 166 12.66 -9.04 4.02
C VAL A 166 13.55 -10.29 4.00
N GLU A 167 14.86 -10.08 4.18
CA GLU A 167 15.86 -11.15 4.21
C GLU A 167 15.56 -12.14 5.32
N MET A 168 15.22 -11.62 6.50
CA MET A 168 14.89 -12.46 7.65
C MET A 168 13.75 -13.42 7.37
N ILE A 169 12.73 -12.94 6.65
CA ILE A 169 11.58 -13.77 6.29
C ILE A 169 12.00 -14.82 5.26
N LEU A 170 12.78 -14.39 4.26
CA LEU A 170 13.24 -15.29 3.21
C LEU A 170 14.20 -16.38 3.72
N ASN A 171 14.90 -16.09 4.82
CA ASN A 171 15.85 -17.05 5.41
C ASN A 171 15.29 -17.77 6.63
N LYS A 172 13.99 -17.60 6.88
CA LYS A 172 13.31 -18.23 8.01
C LYS A 172 13.25 -19.75 7.84
N PRO A 173 13.68 -20.50 8.86
CA PRO A 173 13.64 -21.96 8.79
C PRO A 173 12.19 -22.45 8.72
N GLY A 174 11.91 -23.30 7.73
CA GLY A 174 10.56 -23.82 7.57
C GLY A 174 9.59 -22.87 6.87
N LEU A 175 10.12 -21.84 6.20
CA LEU A 175 9.28 -20.87 5.49
C LEU A 175 8.36 -21.58 4.51
N LYS A 176 7.05 -21.35 4.64
CA LYS A 176 6.06 -21.98 3.78
C LYS A 176 5.59 -21.10 2.63
N TYR A 177 5.38 -19.81 2.91
CA TYR A 177 4.92 -18.87 1.89
C TYR A 177 5.78 -17.63 1.84
N LYS A 178 6.31 -17.33 0.66
CA LYS A 178 7.12 -16.14 0.43
C LYS A 178 6.24 -14.91 0.38
N PRO A 179 6.77 -13.76 0.83
CA PRO A 179 6.00 -12.51 0.79
C PRO A 179 5.72 -12.26 -0.69
N ALA A 180 4.46 -12.02 -1.04
CA ALA A 180 4.10 -11.79 -2.44
C ALA A 180 4.35 -10.36 -2.88
N VAL A 181 4.17 -9.44 -1.94
CA VAL A 181 4.29 -8.02 -2.20
C VAL A 181 4.94 -7.28 -1.05
N ASN A 182 5.68 -6.22 -1.37
CA ASN A 182 6.28 -5.33 -0.38
C ASN A 182 5.77 -3.96 -0.84
N GLN A 183 4.85 -3.39 -0.05
CA GLN A 183 4.27 -2.09 -0.35
C GLN A 183 5.09 -1.01 0.37
N ILE A 184 5.72 -0.13 -0.41
CA ILE A 184 6.58 0.93 0.11
C ILE A 184 6.28 2.29 -0.53
N GLU A 185 6.78 3.34 0.12
CA GLU A 185 6.60 4.70 -0.39
C GLU A 185 7.52 4.89 -1.59
N CYS A 186 6.96 5.42 -2.67
CA CYS A 186 7.75 5.62 -3.89
C CYS A 186 7.17 6.69 -4.81
N HIS A 187 8.03 7.64 -5.18
CA HIS A 187 7.69 8.76 -6.06
C HIS A 187 9.02 9.39 -6.48
N PRO A 188 8.99 10.42 -7.35
CA PRO A 188 10.24 11.06 -7.78
C PRO A 188 11.21 11.60 -6.70
N TYR A 189 10.70 11.91 -5.51
CA TYR A 189 11.56 12.40 -4.42
C TYR A 189 12.12 11.28 -3.53
N LEU A 190 11.64 10.06 -3.73
CA LEU A 190 12.09 8.87 -2.97
C LEU A 190 11.96 7.72 -3.96
N THR A 191 12.91 7.64 -4.89
CA THR A 191 12.91 6.63 -5.94
C THR A 191 13.09 5.16 -5.54
N GLN A 192 13.73 4.92 -4.40
CA GLN A 192 13.93 3.56 -3.89
C GLN A 192 14.54 2.57 -4.89
N GLU A 193 15.51 3.03 -5.67
CA GLU A 193 16.12 2.16 -6.67
C GLU A 193 16.74 0.88 -6.11
N LYS A 194 17.38 0.98 -4.95
CA LYS A 194 18.01 -0.19 -4.34
C LYS A 194 17.02 -1.20 -3.78
N LEU A 195 16.03 -0.74 -3.01
CA LEU A 195 15.05 -1.65 -2.43
C LEU A 195 14.21 -2.31 -3.52
N ILE A 196 13.88 -1.53 -4.56
CA ILE A 196 13.09 -2.03 -5.67
C ILE A 196 13.85 -3.10 -6.46
N GLN A 197 15.13 -2.87 -6.72
CA GLN A 197 15.96 -3.83 -7.45
C GLN A 197 16.13 -5.13 -6.65
N TYR A 198 16.23 -5.00 -5.33
CA TYR A 198 16.38 -6.17 -4.45
C TYR A 198 15.12 -7.02 -4.44
N CYS A 199 13.97 -6.39 -4.21
CA CYS A 199 12.69 -7.11 -4.15
C CYS A 199 12.35 -7.80 -5.47
N GLN A 200 12.53 -7.07 -6.57
CA GLN A 200 12.24 -7.62 -7.89
C GLN A 200 13.11 -8.81 -8.27
N SER A 201 14.33 -8.85 -7.73
CA SER A 201 15.24 -9.95 -8.02
C SER A 201 14.82 -11.20 -7.27
N LYS A 202 14.12 -11.00 -6.15
CA LYS A 202 13.63 -12.11 -5.33
C LYS A 202 12.21 -12.54 -5.72
N GLY A 203 11.67 -11.93 -6.77
CA GLY A 203 10.31 -12.27 -7.21
C GLY A 203 9.20 -11.66 -6.37
N ILE A 204 9.53 -10.58 -5.66
CA ILE A 204 8.57 -9.90 -4.82
C ILE A 204 8.08 -8.65 -5.55
N VAL A 205 6.77 -8.57 -5.75
CA VAL A 205 6.15 -7.44 -6.43
C VAL A 205 6.16 -6.21 -5.52
N VAL A 206 6.52 -5.06 -6.09
CA VAL A 206 6.55 -3.83 -5.33
C VAL A 206 5.35 -2.96 -5.68
N THR A 207 4.72 -2.43 -4.64
CA THR A 207 3.58 -1.53 -4.79
C THR A 207 4.03 -0.18 -4.26
N ALA A 208 3.88 0.85 -5.08
CA ALA A 208 4.26 2.21 -4.73
C ALA A 208 3.09 2.97 -4.12
N TYR A 209 3.25 3.41 -2.88
CA TYR A 209 2.20 4.18 -2.21
C TYR A 209 2.63 5.64 -2.15
N SER A 210 1.67 6.53 -1.94
CA SER A 210 1.94 7.98 -1.91
C SER A 210 2.65 8.42 -3.22
N PRO A 211 2.17 7.96 -4.38
CA PRO A 211 2.78 8.33 -5.66
C PRO A 211 2.71 9.81 -6.04
N LEU A 212 1.77 10.53 -5.44
CA LEU A 212 1.59 11.94 -5.72
C LEU A 212 2.23 12.80 -4.64
N GLY A 213 2.90 12.15 -3.68
CA GLY A 213 3.53 12.87 -2.59
C GLY A 213 2.65 13.06 -1.38
N SER A 214 1.42 12.54 -1.45
CA SER A 214 0.46 12.62 -0.37
C SER A 214 0.25 14.05 0.12
N PRO A 215 -0.28 14.95 -0.74
CA PRO A 215 -0.50 16.34 -0.32
C PRO A 215 -1.52 16.55 0.81
N ASP A 216 -2.29 15.51 1.14
CA ASP A 216 -3.28 15.60 2.20
C ASP A 216 -2.91 14.99 3.57
N ARG A 217 -1.64 14.62 3.73
CA ARG A 217 -1.14 14.04 4.99
C ARG A 217 -1.37 15.10 6.09
N PRO A 218 -1.88 14.68 7.26
CA PRO A 218 -2.12 15.65 8.34
C PRO A 218 -0.91 16.39 8.88
N TRP A 219 0.28 15.88 8.59
CA TRP A 219 1.52 16.49 9.06
C TRP A 219 2.19 17.42 8.04
N ALA A 220 1.46 17.79 6.99
CA ALA A 220 1.98 18.66 5.95
C ALA A 220 2.37 20.05 6.44
N LYS A 221 3.45 20.57 5.86
CA LYS A 221 3.97 21.90 6.17
C LYS A 221 4.07 22.72 4.90
N PRO A 222 3.83 24.04 4.98
CA PRO A 222 3.89 24.94 3.81
C PRO A 222 5.27 25.05 3.14
N GLU A 223 6.33 24.61 3.82
CA GLU A 223 7.67 24.67 3.22
C GLU A 223 8.12 23.34 2.63
N ASP A 224 7.26 22.31 2.75
CA ASP A 224 7.56 20.98 2.21
C ASP A 224 7.40 20.99 0.69
N PRO A 225 8.27 20.25 -0.01
CA PRO A 225 8.21 20.18 -1.48
C PRO A 225 6.92 19.55 -1.97
N SER A 226 6.44 20.00 -3.12
CA SER A 226 5.21 19.50 -3.71
C SER A 226 5.49 18.90 -5.10
N LEU A 227 5.21 17.60 -5.26
CA LEU A 227 5.42 16.90 -6.52
C LEU A 227 4.49 17.40 -7.60
N LEU A 228 3.21 17.56 -7.25
CA LEU A 228 2.21 18.02 -8.20
C LEU A 228 2.47 19.42 -8.74
N GLU A 229 3.21 20.20 -7.96
CA GLU A 229 3.52 21.57 -8.35
C GLU A 229 4.97 21.76 -8.82
N ASP A 230 5.72 20.66 -8.94
CA ASP A 230 7.10 20.72 -9.40
C ASP A 230 7.07 21.12 -10.87
N PRO A 231 7.65 22.29 -11.22
CA PRO A 231 7.69 22.81 -12.59
C PRO A 231 8.36 21.88 -13.58
N ARG A 232 9.33 21.12 -13.10
CA ARG A 232 10.06 20.17 -13.93
C ARG A 232 9.16 19.00 -14.31
N ILE A 233 8.26 18.61 -13.41
CA ILE A 233 7.35 17.51 -13.69
C ILE A 233 6.16 18.03 -14.50
N LYS A 234 5.84 19.31 -14.30
CA LYS A 234 4.77 19.96 -15.04
C LYS A 234 5.14 20.02 -16.51
N ALA A 235 6.42 20.25 -16.79
CA ALA A 235 6.96 20.33 -18.14
C ALA A 235 6.85 19.01 -18.90
N ILE A 236 7.18 17.91 -18.21
CA ILE A 236 7.10 16.58 -18.82
C ILE A 236 5.65 16.26 -19.13
N ALA A 237 4.76 16.61 -18.20
CA ALA A 237 3.32 16.38 -18.37
C ALA A 237 2.80 17.17 -19.58
N ALA A 238 3.16 18.45 -19.66
CA ALA A 238 2.73 19.30 -20.76
C ALA A 238 3.22 18.77 -22.11
N LYS A 239 4.40 18.16 -22.11
CA LYS A 239 4.97 17.60 -23.33
C LYS A 239 4.16 16.39 -23.83
N HIS A 240 3.38 15.78 -22.93
CA HIS A 240 2.57 14.62 -23.28
C HIS A 240 1.07 14.89 -23.37
N ASN A 241 0.67 16.12 -23.07
CA ASN A 241 -0.75 16.52 -23.07
C ASN A 241 -1.49 15.78 -21.97
N LYS A 242 -0.79 15.58 -20.84
CA LYS A 242 -1.34 14.89 -19.68
C LYS A 242 -1.19 15.77 -18.45
N THR A 243 -1.84 15.39 -17.35
CA THR A 243 -1.72 16.16 -16.12
C THR A 243 -0.49 15.63 -15.38
N THR A 244 -0.03 16.40 -14.39
CA THR A 244 1.15 16.00 -13.60
C THR A 244 0.85 14.70 -12.82
N ALA A 245 -0.40 14.56 -12.36
CA ALA A 245 -0.81 13.37 -11.62
C ALA A 245 -0.74 12.15 -12.52
N GLN A 246 -1.16 12.31 -13.78
CA GLN A 246 -1.11 11.21 -14.74
C GLN A 246 0.33 10.79 -14.99
N VAL A 247 1.25 11.75 -15.00
CA VAL A 247 2.68 11.46 -15.18
C VAL A 247 3.21 10.73 -13.94
N LEU A 248 2.85 11.19 -12.75
CA LEU A 248 3.30 10.58 -11.50
C LEU A 248 2.75 9.18 -11.27
N ILE A 249 1.64 8.86 -11.92
CA ILE A 249 1.03 7.54 -11.79
C ILE A 249 1.64 6.59 -12.83
N ARG A 250 1.89 7.11 -14.03
CA ARG A 250 2.51 6.33 -15.11
C ARG A 250 3.97 5.99 -14.80
N PHE A 251 4.64 6.87 -14.06
CA PHE A 251 6.04 6.71 -13.68
C PHE A 251 6.33 5.33 -13.03
N PRO A 252 5.68 5.00 -11.90
CA PRO A 252 5.95 3.69 -11.28
C PRO A 252 5.53 2.50 -12.13
N MET A 253 4.46 2.65 -12.91
CA MET A 253 3.98 1.58 -13.78
C MET A 253 5.04 1.12 -14.77
N GLN A 254 5.84 2.05 -15.28
CA GLN A 254 6.89 1.72 -16.23
C GLN A 254 8.12 1.12 -15.57
N ARG A 255 8.12 1.10 -14.24
CA ARG A 255 9.20 0.53 -13.45
C ARG A 255 8.73 -0.84 -12.97
N ASN A 256 7.59 -1.28 -13.48
CA ASN A 256 6.95 -2.55 -13.15
C ASN A 256 6.47 -2.59 -11.71
N LEU A 257 5.96 -1.46 -11.24
CA LEU A 257 5.45 -1.34 -9.88
C LEU A 257 3.94 -1.16 -9.92
N VAL A 258 3.27 -1.64 -8.89
CA VAL A 258 1.83 -1.47 -8.78
C VAL A 258 1.70 -0.09 -8.11
N VAL A 259 0.75 0.71 -8.58
CA VAL A 259 0.58 2.05 -8.01
C VAL A 259 -0.85 2.25 -7.50
N ILE A 260 -0.96 2.86 -6.32
CA ILE A 260 -2.27 3.06 -5.68
C ILE A 260 -2.62 4.49 -5.26
N PRO A 261 -2.88 5.39 -6.23
CA PRO A 261 -3.22 6.77 -5.88
C PRO A 261 -4.56 6.86 -5.17
N LYS A 262 -4.61 7.71 -4.15
CA LYS A 262 -5.83 7.92 -3.39
C LYS A 262 -6.60 9.14 -3.89
N SER A 263 -7.92 9.02 -3.90
CA SER A 263 -8.81 10.12 -4.29
C SER A 263 -10.24 9.78 -3.94
N VAL A 264 -10.99 10.81 -3.53
CA VAL A 264 -12.42 10.67 -3.19
C VAL A 264 -13.23 11.59 -4.11
N THR A 265 -12.53 12.22 -5.06
CA THR A 265 -13.13 13.15 -6.01
C THR A 265 -13.38 12.41 -7.33
N PRO A 266 -14.65 12.31 -7.77
CA PRO A 266 -15.02 11.61 -9.00
C PRO A 266 -14.23 11.96 -10.27
N GLU A 267 -14.00 13.24 -10.54
CA GLU A 267 -13.25 13.65 -11.73
C GLU A 267 -11.78 13.24 -11.65
N ARG A 268 -11.20 13.25 -10.45
CA ARG A 268 -9.81 12.86 -10.26
C ARG A 268 -9.63 11.35 -10.33
N ILE A 269 -10.62 10.61 -9.82
CA ILE A 269 -10.60 9.15 -9.86
C ILE A 269 -10.60 8.73 -11.33
N ALA A 270 -11.37 9.47 -12.13
CA ALA A 270 -11.48 9.24 -13.58
C ALA A 270 -10.18 9.60 -14.29
N GLU A 271 -9.65 10.78 -13.96
CA GLU A 271 -8.39 11.27 -14.54
C GLU A 271 -7.23 10.31 -14.27
N ASN A 272 -7.15 9.82 -13.04
CA ASN A 272 -6.10 8.89 -12.61
C ASN A 272 -6.14 7.56 -13.32
N PHE A 273 -7.26 7.27 -13.96
CA PHE A 273 -7.44 6.03 -14.68
C PHE A 273 -6.91 6.10 -16.11
N LYS A 274 -6.92 7.29 -16.72
CA LYS A 274 -6.43 7.45 -18.08
C LYS A 274 -4.90 7.53 -18.14
N VAL A 275 -4.26 6.44 -17.76
CA VAL A 275 -2.81 6.36 -17.74
C VAL A 275 -2.27 5.19 -18.57
N PHE A 276 -3.15 4.53 -19.32
CA PHE A 276 -2.73 3.38 -20.12
C PHE A 276 -2.54 3.70 -21.60
N ASP A 277 -2.94 4.90 -22.01
CA ASP A 277 -2.85 5.31 -23.42
C ASP A 277 -1.64 6.13 -23.87
N PHE A 278 -0.59 6.18 -23.05
CA PHE A 278 0.62 6.92 -23.40
C PHE A 278 1.84 6.32 -22.74
N GLU A 279 3.03 6.73 -23.19
CA GLU A 279 4.30 6.24 -22.64
C GLU A 279 5.28 7.36 -22.38
N LEU A 280 6.04 7.22 -21.29
CA LEU A 280 7.08 8.17 -20.96
C LEU A 280 8.32 7.60 -21.65
N SER A 281 9.09 8.45 -22.32
CA SER A 281 10.31 7.99 -22.99
C SER A 281 11.34 7.59 -21.93
N SER A 282 12.38 6.88 -22.34
CA SER A 282 13.42 6.47 -21.38
C SER A 282 14.11 7.69 -20.78
N GLN A 283 14.11 8.78 -21.56
CA GLN A 283 14.70 10.06 -21.17
C GLN A 283 13.86 10.69 -20.05
N ASP A 284 12.54 10.65 -20.21
CA ASP A 284 11.61 11.18 -19.22
C ASP A 284 11.78 10.41 -17.91
N MET A 285 11.88 9.08 -18.03
CA MET A 285 12.05 8.17 -16.90
C MET A 285 13.35 8.45 -16.12
N THR A 286 14.46 8.54 -16.84
CA THR A 286 15.77 8.82 -16.25
C THR A 286 15.82 10.20 -15.61
N THR A 287 15.11 11.16 -16.21
CA THR A 287 15.04 12.52 -15.69
C THR A 287 14.25 12.52 -14.38
N LEU A 288 13.11 11.82 -14.35
CA LEU A 288 12.29 11.75 -13.14
C LEU A 288 13.03 11.07 -11.98
N LEU A 289 13.87 10.08 -12.31
CA LEU A 289 14.65 9.35 -11.30
C LEU A 289 15.73 10.23 -10.68
N SER A 290 16.22 11.22 -11.43
CA SER A 290 17.27 12.11 -10.94
C SER A 290 16.75 13.12 -9.94
N TYR A 291 15.43 13.19 -9.77
CA TYR A 291 14.83 14.13 -8.83
C TYR A 291 14.82 13.60 -7.41
N ASN A 292 15.38 12.42 -7.20
CA ASN A 292 15.44 11.82 -5.87
C ASN A 292 16.11 12.72 -4.84
N ARG A 293 15.46 12.86 -3.69
CA ARG A 293 15.94 13.67 -2.57
C ARG A 293 15.97 12.85 -1.29
N ASN A 294 15.45 11.63 -1.37
CA ASN A 294 15.35 10.73 -0.22
C ASN A 294 14.43 11.35 0.84
N TRP A 295 13.33 11.95 0.37
CA TRP A 295 12.33 12.60 1.21
C TRP A 295 11.16 11.66 1.44
N ARG A 296 10.90 11.32 2.71
CA ARG A 296 9.80 10.42 3.05
C ARG A 296 8.60 11.18 3.60
N VAL A 297 7.43 10.73 3.20
CA VAL A 297 6.14 11.25 3.65
C VAL A 297 5.80 10.50 4.93
N CYS A 298 6.00 9.18 4.92
CA CYS A 298 5.71 8.32 6.06
C CYS A 298 7.01 7.79 6.67
N ALA A 299 7.45 8.42 7.76
CA ALA A 299 8.67 8.00 8.41
C ALA A 299 8.45 7.35 9.77
N LEU A 300 7.17 7.24 10.18
CA LEU A 300 6.77 6.67 11.47
C LEU A 300 7.72 7.18 12.55
N LEU A 301 7.79 8.51 12.67
CA LEU A 301 8.69 9.18 13.61
C LEU A 301 8.51 8.88 15.10
N SER A 302 7.35 8.38 15.50
CA SER A 302 7.10 8.07 16.90
C SER A 302 7.78 6.77 17.33
N CYS A 303 8.24 5.97 16.37
CA CYS A 303 8.88 4.70 16.65
C CYS A 303 10.35 4.60 16.28
N THR A 304 11.02 5.75 16.19
CA THR A 304 12.43 5.82 15.83
C THR A 304 13.35 4.97 16.72
N SER A 305 12.89 4.67 17.93
CA SER A 305 13.66 3.88 18.89
C SER A 305 13.20 2.41 18.96
N HIS A 306 12.15 2.07 18.24
CA HIS A 306 11.64 0.71 18.24
C HIS A 306 12.69 -0.22 17.64
N LYS A 307 12.82 -1.41 18.22
CA LYS A 307 13.82 -2.39 17.76
C LYS A 307 13.68 -2.81 16.30
N ASP A 308 12.48 -2.67 15.74
CA ASP A 308 12.22 -3.05 14.34
C ASP A 308 11.95 -1.85 13.41
N TYR A 309 12.37 -0.65 13.82
CA TYR A 309 12.19 0.53 12.99
C TYR A 309 12.92 0.23 11.68
N PRO A 310 12.21 0.30 10.54
CA PRO A 310 12.79 0.01 9.23
C PRO A 310 13.66 1.03 8.51
N PHE A 311 13.61 2.30 8.90
CA PHE A 311 14.36 3.32 8.17
C PHE A 311 15.73 3.81 8.64
N HIS A 312 16.46 2.96 9.38
CA HIS A 312 17.81 3.32 9.84
C HIS A 312 18.80 2.77 8.82
N GLU A 313 18.45 1.62 8.24
CA GLU A 313 19.29 0.98 7.22
C GLU A 313 19.18 1.81 5.94
N GLU A 314 20.16 1.67 5.05
CA GLU A 314 20.15 2.43 3.79
C GLU A 314 18.95 2.05 2.93
N PHE A 315 18.64 0.75 2.89
CA PHE A 315 17.50 0.26 2.13
C PHE A 315 17.02 -1.09 2.69
PA NAP B . -1.48 10.11 -2.76
O1A NAP B . -0.04 10.31 -3.04
O2A NAP B . -2.26 9.20 -3.59
O5B NAP B . -2.17 11.54 -2.75
C5B NAP B . -3.54 11.66 -2.36
C4B NAP B . -3.88 13.14 -2.47
O4B NAP B . -3.69 13.59 -3.83
C3B NAP B . -5.31 13.49 -2.11
O3B NAP B . -5.36 14.74 -1.45
C2B NAP B . -6.02 13.60 -3.45
O2B NAP B . -7.09 14.53 -3.33
C1B NAP B . -4.92 14.12 -4.33
N9A NAP B . -5.11 13.73 -5.75
C8A NAP B . -5.46 12.54 -6.25
N7A NAP B . -5.53 12.60 -7.59
C5A NAP B . -5.23 13.85 -7.87
C6A NAP B . -5.20 14.43 -9.15
N6A NAP B . -5.44 13.75 -10.26
N1A NAP B . -4.89 15.75 -9.20
C2A NAP B . -4.62 16.46 -8.11
N3A NAP B . -4.65 15.90 -6.89
C4A NAP B . -4.96 14.59 -6.75
O3 NAP B . -1.62 9.83 -1.18
PN NAP B . -1.69 8.63 -0.10
O1N NAP B . -3.08 8.56 0.34
O2N NAP B . -0.64 8.89 0.89
O5D NAP B . -1.19 7.31 -0.89
C5D NAP B . -2.09 6.49 -1.67
C4D NAP B . -2.51 5.24 -0.90
O4D NAP B . -1.31 4.56 -0.49
C3D NAP B . -3.17 5.55 0.43
O3D NAP B . -4.51 6.03 0.37
C2D NAP B . -3.04 4.21 1.08
O2D NAP B . -4.06 3.35 0.56
C1D NAP B . -1.64 3.78 0.65
N1N NAP B . -0.63 4.03 1.69
C2N NAP B . -0.06 2.96 2.39
C3N NAP B . 0.81 3.20 3.43
C7N NAP B . 1.50 2.02 4.14
O7N NAP B . 2.20 2.21 5.13
N7N NAP B . 1.33 0.83 3.57
C4N NAP B . 1.14 4.51 3.78
C5N NAP B . 0.60 5.58 3.07
C6N NAP B . -0.28 5.34 2.03
P2B NAP B . -8.63 14.12 -3.27
O1X NAP B . -8.72 12.84 -2.54
O2X NAP B . -9.14 15.28 -2.53
O3X NAP B . -9.02 14.05 -4.69
CA 6NA C . -0.47 5.82 7.49
C 6NA C . -0.20 4.37 7.10
O 6NA C . 0.57 3.76 7.83
CB 6NA C . -1.83 5.93 8.18
CG 6NA C . -1.74 5.40 9.61
CD 6NA C . -2.42 6.39 10.56
C6 6NA C . -2.32 5.85 11.98
OXT 6NA C . -0.78 3.95 6.12
#